data_5WHJ
#
_entry.id   5WHJ
#
_cell.length_a   116.170
_cell.length_b   116.170
_cell.length_c   79.220
_cell.angle_alpha   90.00
_cell.angle_beta   90.00
_cell.angle_gamma   90.00
#
_symmetry.space_group_name_H-M   'P 43 2 2'
#
loop_
_entity.id
_entity.type
_entity.pdbx_description
1 polymer 'DX-2507 Fab heavy chain'
2 polymer 'DX-2507 Fab light chain'
3 water water
#
loop_
_entity_poly.entity_id
_entity_poly.type
_entity_poly.pdbx_seq_one_letter_code
_entity_poly.pdbx_strand_id
1 'polypeptide(L)'
;EVQLLESGGGLVQPGGSLRLSCAASGFTFSEYAMGWVRQAPGKGLEWVSSIGSSGGQTKYADSVKGRFTISRDNSKNTLY
LQMNSLRAEDTAVYYCARLAIGDSYWGQGTMVTVSSASTKGPSVFPLAPSSKSTSGGTAALGCLVKDYFPEPVTVSWNSG
ALTSGVHTFPAVLQSSGLYSLSSVVTVPSSSLGTQTYICNVNHKPSNTKVDKRVEPKSC
;
H
2 'polypeptide(L)'
;QSALTQPASVSGSPGQSITISCTGTGSDVGSYNLVSWYQQHPGKAPKLMIYGDSQRPSGVSNRFSGSKSGNTASLTISGL
QAEDEADYYCASYAGSGIYVFGTGTKVTVLGQPKANPTVTLFPPSSEELQANKATLVCLISDFYPGAVTVAWKADGSPVK
AGVETTKPSKQSNNKYAASSYLSLTPEQWKSHRSYSCQVTHEGSTVEKTVAPTECS
;
L
#
# COMPACT_ATOMS: atom_id res chain seq x y z
N GLU A 1 -11.08 7.95 -22.50
CA GLU A 1 -11.76 6.90 -21.74
C GLU A 1 -12.36 7.39 -20.39
N VAL A 2 -12.91 6.45 -19.64
CA VAL A 2 -13.62 6.77 -18.40
C VAL A 2 -12.64 7.21 -17.33
N GLN A 3 -12.99 8.27 -16.63
CA GLN A 3 -12.16 8.80 -15.54
C GLN A 3 -13.03 9.09 -14.33
N LEU A 4 -12.57 8.65 -13.16
CA LEU A 4 -13.22 8.94 -11.88
C LEU A 4 -12.14 9.38 -10.91
N LEU A 5 -12.24 10.61 -10.40
CA LEU A 5 -11.18 11.21 -9.57
C LEU A 5 -11.77 11.62 -8.22
N GLU A 6 -11.43 10.86 -7.18
CA GLU A 6 -11.93 11.16 -5.84
C GLU A 6 -11.04 12.20 -5.18
N SER A 7 -11.64 12.96 -4.26
CA SER A 7 -10.88 13.91 -3.46
C SER A 7 -11.65 14.15 -2.17
N GLY A 8 -11.00 14.82 -1.23
CA GLY A 8 -11.63 15.17 0.03
C GLY A 8 -11.22 14.32 1.22
N GLY A 9 -10.54 13.20 1.01
CA GLY A 9 -10.10 12.39 2.13
C GLY A 9 -9.05 13.11 2.96
N GLY A 10 -8.88 12.64 4.19
CA GLY A 10 -7.92 13.28 5.09
C GLY A 10 -8.02 12.70 6.48
N LEU A 11 -7.35 13.38 7.40
CA LEU A 11 -7.32 13.01 8.81
C LEU A 11 -8.40 13.79 9.56
N VAL A 12 -9.13 13.10 10.44
CA VAL A 12 -10.21 13.71 11.21
C VAL A 12 -10.29 13.06 12.59
N GLN A 13 -10.73 13.85 13.57
CA GLN A 13 -10.98 13.38 14.92
C GLN A 13 -12.22 12.49 14.92
N PRO A 14 -12.30 11.52 15.85
CA PRO A 14 -13.54 10.77 16.03
C PRO A 14 -14.69 11.72 16.31
N GLY A 15 -15.85 11.42 15.74
CA GLY A 15 -16.99 12.32 15.83
C GLY A 15 -17.00 13.40 14.77
N GLY A 16 -15.89 13.59 14.05
CA GLY A 16 -15.78 14.61 13.03
C GLY A 16 -16.53 14.28 11.75
N SER A 17 -16.33 15.14 10.75
CA SER A 17 -17.09 15.10 9.52
C SER A 17 -16.16 15.30 8.32
N LEU A 18 -16.53 14.72 7.18
CA LEU A 18 -15.80 14.93 5.93
C LEU A 18 -16.77 14.80 4.77
N ARG A 19 -16.49 15.52 3.68
CA ARG A 19 -17.22 15.36 2.43
C ARG A 19 -16.25 14.94 1.34
N LEU A 20 -16.52 13.80 0.72
CA LEU A 20 -15.74 13.30 -0.40
C LEU A 20 -16.43 13.66 -1.71
N SER A 21 -15.62 13.90 -2.74
CA SER A 21 -16.10 14.18 -4.08
C SER A 21 -15.54 13.17 -5.06
N CYS A 22 -16.22 13.02 -6.20
CA CYS A 22 -15.76 12.16 -7.28
C CYS A 22 -16.11 12.85 -8.58
N ALA A 23 -15.10 13.38 -9.27
CA ALA A 23 -15.28 14.05 -10.54
C ALA A 23 -15.16 13.04 -11.68
N ALA A 24 -16.18 12.99 -12.53
CA ALA A 24 -16.31 12.00 -13.59
C ALA A 24 -16.15 12.67 -14.96
N SER A 25 -15.55 11.91 -15.89
CA SER A 25 -15.46 12.37 -17.27
C SER A 25 -15.27 11.16 -18.18
N GLY A 26 -15.50 11.38 -19.47
CA GLY A 26 -15.33 10.34 -20.47
C GLY A 26 -16.56 9.52 -20.75
N PHE A 27 -17.69 9.85 -20.11
CA PHE A 27 -18.94 9.16 -20.32
C PHE A 27 -20.07 10.11 -19.92
N THR A 28 -21.30 9.75 -20.30
CA THR A 28 -22.47 10.56 -19.98
C THR A 28 -22.87 10.27 -18.54
N PHE A 29 -22.35 11.09 -17.61
CA PHE A 29 -22.53 10.86 -16.19
C PHE A 29 -23.99 10.63 -15.82
N SER A 30 -24.90 11.38 -16.43
CA SER A 30 -26.30 11.41 -16.03
C SER A 30 -27.05 10.11 -16.29
N GLU A 31 -26.50 9.18 -17.08
CA GLU A 31 -27.23 7.95 -17.34
C GLU A 31 -26.62 6.73 -16.63
N TYR A 32 -25.75 6.96 -15.65
CA TYR A 32 -25.19 5.87 -14.86
C TYR A 32 -25.50 6.05 -13.39
N ALA A 33 -25.98 4.99 -12.76
CA ALA A 33 -25.97 4.92 -11.30
C ALA A 33 -24.53 4.88 -10.80
N MET A 34 -24.32 5.37 -9.58
CA MET A 34 -22.97 5.48 -9.02
C MET A 34 -22.94 4.97 -7.58
N GLY A 35 -21.75 4.60 -7.13
CA GLY A 35 -21.61 4.02 -5.80
C GLY A 35 -20.28 4.34 -5.16
N TRP A 36 -20.23 4.10 -3.85
CA TRP A 36 -18.99 4.19 -3.08
C TRP A 36 -18.68 2.84 -2.44
N VAL A 37 -17.41 2.45 -2.51
CA VAL A 37 -16.89 1.21 -1.91
C VAL A 37 -15.65 1.58 -1.12
N ARG A 38 -15.47 0.97 0.05
CA ARG A 38 -14.32 1.35 0.88
C ARG A 38 -13.51 0.12 1.25
N GLN A 39 -12.30 0.37 1.75
CA GLN A 39 -11.42 -0.73 2.13
C GLN A 39 -10.51 -0.26 3.27
N ALA A 40 -10.71 -0.81 4.46
CA ALA A 40 -9.85 -0.50 5.58
C ALA A 40 -8.45 -1.08 5.32
N PRO A 41 -7.42 -0.51 5.94
CA PRO A 41 -6.04 -0.97 5.64
C PRO A 41 -5.90 -2.45 5.91
N GLY A 42 -5.43 -3.19 4.91
CA GLY A 42 -5.24 -4.61 5.04
C GLY A 42 -6.50 -5.44 5.16
N LYS A 43 -7.66 -4.85 4.94
CA LYS A 43 -8.93 -5.57 5.04
C LYS A 43 -9.57 -5.65 3.65
N GLY A 44 -10.80 -6.16 3.62
CA GLY A 44 -11.47 -6.44 2.36
C GLY A 44 -12.35 -5.31 1.91
N LEU A 45 -12.88 -5.45 0.69
CA LEU A 45 -13.76 -4.42 0.15
C LEU A 45 -15.11 -4.47 0.85
N GLU A 46 -15.67 -3.29 1.10
CA GLU A 46 -16.99 -3.17 1.70
C GLU A 46 -17.80 -2.18 0.90
N TRP A 47 -18.93 -2.62 0.36
CA TRP A 47 -19.84 -1.69 -0.29
C TRP A 47 -20.43 -0.72 0.74
N VAL A 48 -20.60 0.54 0.34
CA VAL A 48 -20.96 1.63 1.24
C VAL A 48 -22.32 2.22 0.90
N SER A 49 -22.53 2.56 -0.38
CA SER A 49 -23.69 3.35 -0.76
C SER A 49 -23.81 3.33 -2.28
N SER A 50 -25.03 3.55 -2.76
CA SER A 50 -25.29 3.68 -4.19
C SER A 50 -26.37 4.72 -4.42
N ILE A 51 -26.40 5.26 -5.63
CA ILE A 51 -27.37 6.29 -5.99
C ILE A 51 -27.78 6.09 -7.45
N GLY A 52 -29.07 6.30 -7.72
CA GLY A 52 -29.57 6.16 -9.07
C GLY A 52 -29.09 7.26 -10.00
N SER A 53 -29.24 6.98 -11.31
CA SER A 53 -28.71 7.87 -12.34
C SER A 53 -29.20 9.31 -12.20
N SER A 54 -30.41 9.51 -11.67
CA SER A 54 -30.99 10.84 -11.56
C SER A 54 -31.09 11.33 -10.11
N GLY A 55 -30.39 10.69 -9.18
CA GLY A 55 -30.34 11.15 -7.82
C GLY A 55 -31.32 10.48 -6.86
N GLY A 56 -32.16 9.57 -7.34
CA GLY A 56 -33.07 8.83 -6.50
C GLY A 56 -32.44 7.55 -5.98
N GLN A 57 -33.27 6.70 -5.40
CA GLN A 57 -32.91 5.35 -4.98
C GLN A 57 -31.54 5.30 -4.28
N THR A 58 -31.34 6.19 -3.32
CA THR A 58 -30.13 6.14 -2.51
C THR A 58 -30.23 4.97 -1.54
N LYS A 59 -29.14 4.20 -1.43
CA LYS A 59 -29.09 3.03 -0.58
C LYS A 59 -27.78 3.04 0.20
N TYR A 60 -27.81 2.45 1.40
CA TYR A 60 -26.66 2.48 2.29
C TYR A 60 -26.40 1.13 2.93
N ALA A 61 -25.13 0.78 3.09
CA ALA A 61 -24.82 -0.32 3.98
C ALA A 61 -25.28 0.01 5.39
N ASP A 62 -25.72 -1.01 6.14
CA ASP A 62 -26.17 -0.78 7.50
C ASP A 62 -25.09 -0.11 8.34
N SER A 63 -23.82 -0.50 8.13
CA SER A 63 -22.71 0.06 8.91
C SER A 63 -22.60 1.59 8.82
N VAL A 64 -23.34 2.21 7.92
CA VAL A 64 -23.15 3.60 7.51
C VAL A 64 -24.48 4.38 7.53
N LYS A 65 -25.61 3.65 7.62
CA LYS A 65 -26.92 4.29 7.56
C LYS A 65 -27.11 5.31 8.68
N GLY A 66 -27.77 6.41 8.35
CA GLY A 66 -28.01 7.47 9.31
C GLY A 66 -26.85 8.41 9.54
N ARG A 67 -25.64 8.07 9.07
CA ARG A 67 -24.44 8.91 9.21
C ARG A 67 -23.91 9.45 7.88
N PHE A 68 -23.99 8.68 6.79
CA PHE A 68 -23.50 9.11 5.49
C PHE A 68 -24.65 9.47 4.57
N THR A 69 -24.43 10.43 3.67
CA THR A 69 -25.42 10.78 2.66
C THR A 69 -24.75 10.83 1.30
N ILE A 70 -25.24 10.03 0.39
CA ILE A 70 -24.77 10.05 -0.99
C ILE A 70 -25.64 11.02 -1.77
N SER A 71 -25.01 11.69 -2.74
CA SER A 71 -25.70 12.65 -3.60
C SER A 71 -24.85 12.86 -4.85
N ARG A 72 -25.44 13.55 -5.82
CA ARG A 72 -24.74 13.82 -7.07
C ARG A 72 -25.26 15.13 -7.66
N ASP A 73 -24.45 15.71 -8.54
CA ASP A 73 -24.81 16.91 -9.28
C ASP A 73 -24.49 16.60 -10.74
N ASN A 74 -25.51 16.20 -11.51
CA ASN A 74 -25.24 15.80 -12.88
C ASN A 74 -24.82 16.98 -13.74
N SER A 75 -25.15 18.21 -13.33
CA SER A 75 -24.70 19.36 -14.08
C SER A 75 -23.20 19.58 -13.92
N LYS A 76 -22.64 19.18 -12.77
CA LYS A 76 -21.20 19.29 -12.53
C LYS A 76 -20.47 17.94 -12.63
N ASN A 77 -21.13 16.91 -13.16
CA ASN A 77 -20.55 15.57 -13.30
C ASN A 77 -19.76 15.18 -12.05
N THR A 78 -20.40 15.30 -10.90
CA THR A 78 -19.76 15.00 -9.63
C THR A 78 -20.68 14.15 -8.73
N LEU A 79 -20.07 13.18 -8.06
CA LEU A 79 -20.70 12.38 -7.03
C LEU A 79 -20.13 12.77 -5.68
N TYR A 80 -20.97 12.81 -4.66
CA TYR A 80 -20.53 13.16 -3.31
C TYR A 80 -20.84 12.05 -2.31
N LEU A 81 -20.09 12.07 -1.21
CA LEU A 81 -20.45 11.32 -0.01
C LEU A 81 -20.18 12.21 1.19
N GLN A 82 -21.23 12.58 1.91
CA GLN A 82 -21.12 13.32 3.17
C GLN A 82 -21.02 12.31 4.30
N MET A 83 -19.95 12.39 5.09
CA MET A 83 -19.73 11.43 6.17
C MET A 83 -19.73 12.17 7.50
N ASN A 84 -20.71 11.87 8.36
CA ASN A 84 -20.82 12.47 9.69
C ASN A 84 -20.51 11.45 10.77
N SER A 85 -20.26 11.96 11.98
CA SER A 85 -20.01 11.14 13.16
C SER A 85 -19.05 10.00 12.84
N LEU A 86 -17.87 10.38 12.33
CA LEU A 86 -16.92 9.37 11.87
C LEU A 86 -16.26 8.69 13.05
N ARG A 87 -15.92 7.41 12.87
CA ARG A 87 -15.26 6.65 13.92
C ARG A 87 -14.04 5.94 13.34
N ALA A 88 -13.16 5.49 14.24
CA ALA A 88 -11.92 4.85 13.82
C ALA A 88 -12.16 3.76 12.78
N GLU A 89 -13.22 2.96 12.97
CA GLU A 89 -13.55 1.88 12.05
C GLU A 89 -13.98 2.36 10.67
N ASP A 90 -14.15 3.67 10.46
CA ASP A 90 -14.40 4.23 9.14
C ASP A 90 -13.10 4.54 8.39
N THR A 91 -11.96 4.30 9.03
CA THR A 91 -10.67 4.53 8.39
C THR A 91 -10.53 3.58 7.20
N ALA A 92 -10.33 4.13 6.00
CA ALA A 92 -10.32 3.30 4.80
C ALA A 92 -9.94 4.17 3.60
N VAL A 93 -9.55 3.50 2.51
CA VAL A 93 -9.58 4.13 1.19
C VAL A 93 -11.00 4.05 0.67
N TYR A 94 -11.52 5.18 0.18
CA TYR A 94 -12.87 5.27 -0.36
C TYR A 94 -12.79 5.38 -1.88
N TYR A 95 -13.43 4.43 -2.57
CA TYR A 95 -13.42 4.34 -4.01
C TYR A 95 -14.78 4.78 -4.53
N CYS A 96 -14.73 5.65 -5.52
CA CYS A 96 -15.87 5.95 -6.37
C CYS A 96 -15.96 4.88 -7.46
N ALA A 97 -17.19 4.43 -7.76
CA ALA A 97 -17.35 3.40 -8.79
C ALA A 97 -18.59 3.67 -9.63
N ARG A 98 -18.45 3.41 -10.93
CA ARG A 98 -19.56 3.53 -11.86
C ARG A 98 -20.26 2.18 -11.94
N LEU A 99 -21.55 2.17 -11.64
CA LEU A 99 -22.31 0.93 -11.60
C LEU A 99 -22.83 0.63 -13.00
N ALA A 100 -22.38 -0.48 -13.57
CA ALA A 100 -22.79 -0.86 -14.91
C ALA A 100 -22.75 -2.38 -15.02
N ILE A 101 -23.53 -2.90 -15.96
CA ILE A 101 -23.43 -4.31 -16.30
C ILE A 101 -22.41 -4.45 -17.42
N GLY A 102 -21.47 -5.37 -17.25
CA GLY A 102 -20.46 -5.61 -18.25
C GLY A 102 -19.14 -4.87 -18.08
N ASP A 103 -19.09 -3.87 -17.20
CA ASP A 103 -17.83 -3.17 -16.95
C ASP A 103 -17.90 -2.58 -15.55
N SER A 104 -16.73 -2.12 -15.07
CA SER A 104 -16.63 -1.67 -13.69
C SER A 104 -15.44 -0.71 -13.59
N TYR A 105 -15.70 0.58 -13.73
CA TYR A 105 -14.66 1.59 -13.61
C TYR A 105 -14.63 2.14 -12.19
N TRP A 106 -13.42 2.24 -11.62
CA TRP A 106 -13.17 2.71 -10.26
C TRP A 106 -12.15 3.83 -10.29
N GLY A 107 -12.29 4.77 -9.36
CA GLY A 107 -11.22 5.73 -9.13
C GLY A 107 -10.01 5.08 -8.50
N GLN A 108 -8.99 5.89 -8.25
CA GLN A 108 -7.84 5.41 -7.49
C GLN A 108 -8.10 5.44 -5.99
N GLY A 109 -9.13 6.12 -5.56
CA GLY A 109 -9.48 6.14 -4.14
C GLY A 109 -8.88 7.32 -3.41
N THR A 110 -9.55 7.70 -2.33
CA THR A 110 -9.07 8.73 -1.42
C THR A 110 -9.06 8.20 0.01
N MET A 111 -7.96 8.48 0.71
CA MET A 111 -7.69 7.89 2.02
C MET A 111 -8.31 8.73 3.12
N VAL A 112 -9.14 8.10 3.96
CA VAL A 112 -9.79 8.75 5.10
C VAL A 112 -9.22 8.12 6.36
N THR A 113 -8.68 8.93 7.26
CA THR A 113 -8.10 8.45 8.51
C THR A 113 -8.82 9.10 9.67
N VAL A 114 -9.43 8.29 10.53
CA VAL A 114 -10.15 8.75 11.71
C VAL A 114 -9.33 8.33 12.92
N SER A 115 -8.81 9.32 13.65
CA SER A 115 -7.92 9.01 14.76
C SER A 115 -7.98 10.15 15.77
N SER A 116 -7.71 9.81 17.04
CA SER A 116 -7.55 10.85 18.04
C SER A 116 -6.18 11.49 18.02
N ALA A 117 -5.24 11.00 17.21
CA ALA A 117 -3.89 11.56 17.16
C ALA A 117 -3.78 12.62 16.08
N SER A 118 -3.05 13.69 16.37
CA SER A 118 -2.87 14.77 15.42
C SER A 118 -1.84 14.42 14.35
N THR A 119 -1.95 15.13 13.22
CA THR A 119 -0.94 14.96 12.20
C THR A 119 0.42 15.47 12.70
N LYS A 120 1.46 14.78 12.26
CA LYS A 120 2.84 15.20 12.52
C LYS A 120 3.59 15.16 11.21
N GLY A 121 4.19 16.28 10.81
CA GLY A 121 5.04 16.30 9.65
C GLY A 121 6.37 15.61 9.93
N PRO A 122 7.04 15.10 8.89
CA PRO A 122 8.30 14.39 9.10
C PRO A 122 9.48 15.33 9.25
N SER A 123 10.53 14.79 9.87
CA SER A 123 11.86 15.35 9.78
C SER A 123 12.66 14.53 8.78
N VAL A 124 13.46 15.20 7.95
CA VAL A 124 14.18 14.57 6.86
C VAL A 124 15.67 14.71 7.09
N PHE A 125 16.39 13.58 7.07
CA PHE A 125 17.83 13.58 7.22
C PHE A 125 18.48 12.90 6.03
N PRO A 126 19.57 13.45 5.51
CA PRO A 126 20.25 12.80 4.38
C PRO A 126 20.98 11.57 4.86
N LEU A 127 21.07 10.56 3.99
CA LEU A 127 21.82 9.34 4.25
C LEU A 127 23.00 9.32 3.27
N ALA A 128 24.17 9.73 3.74
CA ALA A 128 25.29 9.95 2.83
C ALA A 128 25.88 8.63 2.36
N PRO A 129 26.35 8.55 1.12
CA PRO A 129 27.07 7.35 0.68
C PRO A 129 28.37 7.20 1.44
N SER A 130 28.66 5.97 1.88
CA SER A 130 29.94 5.68 2.49
C SER A 130 31.05 5.53 1.45
N SER A 131 30.70 5.06 0.25
CA SER A 131 31.67 4.84 -0.81
C SER A 131 32.02 6.15 -1.50
N LYS A 132 33.30 6.40 -1.71
CA LYS A 132 33.76 7.64 -2.32
C LYS A 132 33.75 7.50 -3.86
N SER A 133 34.12 8.59 -4.53
CA SER A 133 34.16 8.58 -5.99
C SER A 133 35.22 7.61 -6.52
N THR A 134 36.41 7.63 -5.89
CA THR A 134 37.53 6.84 -6.41
C THR A 134 37.33 5.34 -6.21
N SER A 135 36.53 4.94 -5.22
CA SER A 135 36.46 3.54 -4.79
C SER A 135 35.79 2.63 -5.82
N GLY A 136 35.11 3.15 -6.83
CA GLY A 136 34.53 2.32 -7.86
C GLY A 136 33.22 1.67 -7.45
N GLY A 137 32.69 0.85 -8.36
CA GLY A 137 31.42 0.19 -8.11
C GLY A 137 30.29 1.18 -8.00
N THR A 138 29.30 0.83 -7.18
CA THR A 138 28.12 1.64 -7.00
C THR A 138 28.10 2.20 -5.58
N ALA A 139 27.32 3.26 -5.39
CA ALA A 139 27.13 3.89 -4.09
C ALA A 139 25.65 4.01 -3.79
N ALA A 140 25.27 3.70 -2.55
CA ALA A 140 23.90 3.87 -2.09
C ALA A 140 23.83 5.14 -1.25
N LEU A 141 22.88 6.00 -1.58
CA LEU A 141 22.61 7.17 -0.77
C LEU A 141 21.11 7.28 -0.57
N GLY A 142 20.70 8.02 0.44
CA GLY A 142 19.29 7.99 0.73
C GLY A 142 18.81 9.17 1.54
N CYS A 143 17.54 9.08 1.95
CA CYS A 143 16.91 10.03 2.86
C CYS A 143 16.13 9.23 3.87
N LEU A 144 16.28 9.62 5.13
CA LEU A 144 15.50 9.07 6.22
C LEU A 144 14.36 10.04 6.53
N VAL A 145 13.14 9.54 6.50
CA VAL A 145 11.95 10.35 6.72
C VAL A 145 11.36 9.91 8.06
N LYS A 146 11.57 10.72 9.10
CA LYS A 146 11.38 10.30 10.48
C LYS A 146 10.13 10.91 11.12
N ASP A 147 9.36 10.08 11.83
CA ASP A 147 8.39 10.52 12.83
C ASP A 147 7.24 11.35 12.24
N TYR A 148 6.49 10.75 11.32
CA TYR A 148 5.33 11.41 10.76
C TYR A 148 4.07 10.59 11.02
N PHE A 149 2.91 11.23 10.79
CA PHE A 149 1.60 10.61 10.96
C PHE A 149 0.57 11.51 10.29
N PRO A 150 -0.39 10.94 9.54
CA PRO A 150 -0.50 9.52 9.22
C PRO A 150 0.21 9.21 7.92
N GLU A 151 0.09 7.96 7.47
CA GLU A 151 0.54 7.59 6.15
C GLU A 151 -0.33 8.30 5.12
N PRO A 152 0.20 8.53 3.91
CA PRO A 152 1.51 8.14 3.40
C PRO A 152 2.47 9.32 3.25
N VAL A 153 3.76 9.04 3.00
CA VAL A 153 4.65 9.99 2.35
C VAL A 153 5.11 9.38 1.03
N THR A 154 5.36 10.25 0.06
CA THR A 154 6.09 9.86 -1.15
C THR A 154 7.46 10.53 -1.16
N VAL A 155 8.43 9.84 -1.74
CA VAL A 155 9.79 10.37 -1.90
C VAL A 155 10.17 10.24 -3.37
N SER A 156 10.53 11.36 -3.99
CA SER A 156 11.11 11.39 -5.32
C SER A 156 12.54 11.88 -5.22
N TRP A 157 13.26 11.82 -6.35
CA TRP A 157 14.64 12.24 -6.41
C TRP A 157 14.83 13.19 -7.59
N ASN A 158 15.59 14.26 -7.36
CA ASN A 158 15.85 15.29 -8.37
C ASN A 158 14.57 15.75 -9.05
N SER A 159 13.57 16.06 -8.20
CA SER A 159 12.28 16.60 -8.60
C SER A 159 11.54 15.67 -9.55
N GLY A 160 11.79 14.37 -9.43
CA GLY A 160 11.15 13.37 -10.28
C GLY A 160 11.97 12.91 -11.49
N ALA A 161 13.10 13.55 -11.79
CA ALA A 161 13.89 13.17 -12.97
C ALA A 161 14.75 11.93 -12.76
N LEU A 162 15.13 11.63 -11.52
CA LEU A 162 15.90 10.42 -11.22
C LEU A 162 14.93 9.35 -10.72
N THR A 163 14.78 8.26 -11.48
CA THR A 163 13.85 7.20 -11.13
C THR A 163 14.50 5.82 -11.11
N SER A 164 15.54 5.63 -11.92
CA SER A 164 16.21 4.33 -12.00
C SER A 164 17.15 4.13 -10.81
N GLY A 165 17.05 2.95 -10.19
CA GLY A 165 17.79 2.66 -8.98
C GLY A 165 17.16 3.18 -7.70
N VAL A 166 15.92 3.70 -7.76
CA VAL A 166 15.24 4.28 -6.61
C VAL A 166 14.41 3.20 -5.90
N HIS A 167 14.58 3.09 -4.59
CA HIS A 167 13.77 2.16 -3.78
CA HIS A 167 13.77 2.17 -3.79
C HIS A 167 13.35 2.88 -2.51
N THR A 168 12.07 3.15 -2.39
CA THR A 168 11.50 3.73 -1.17
C THR A 168 10.87 2.59 -0.38
N PHE A 169 11.40 2.33 0.83
CA PHE A 169 11.02 1.13 1.58
C PHE A 169 9.70 1.37 2.32
N PRO A 170 8.95 0.29 2.62
CA PRO A 170 7.77 0.46 3.48
C PRO A 170 8.17 1.04 4.82
N ALA A 171 7.25 1.84 5.37
CA ALA A 171 7.49 2.54 6.62
C ALA A 171 7.38 1.58 7.80
N VAL A 172 8.14 1.88 8.86
CA VAL A 172 7.98 1.20 10.14
C VAL A 172 7.02 2.01 10.99
N LEU A 173 6.07 1.32 11.63
CA LEU A 173 5.20 1.93 12.63
C LEU A 173 5.88 1.75 13.98
N GLN A 174 6.37 2.85 14.57
CA GLN A 174 7.08 2.78 15.82
C GLN A 174 6.10 2.68 16.98
N SER A 175 6.62 2.25 18.14
CA SER A 175 5.76 2.12 19.31
C SER A 175 5.18 3.45 19.74
N SER A 176 5.85 4.56 19.41
CA SER A 176 5.30 5.89 19.63
C SER A 176 4.00 6.14 18.85
N GLY A 177 3.65 5.29 17.89
CA GLY A 177 2.54 5.57 17.01
C GLY A 177 2.87 6.43 15.80
N LEU A 178 4.13 6.85 15.63
CA LEU A 178 4.60 7.61 14.46
C LEU A 178 5.31 6.69 13.49
N TYR A 179 5.25 7.04 12.21
CA TYR A 179 5.93 6.29 11.17
C TYR A 179 7.31 6.89 10.85
N SER A 180 8.20 6.04 10.32
CA SER A 180 9.42 6.46 9.64
C SER A 180 9.64 5.56 8.42
N LEU A 181 10.25 6.12 7.38
CA LEU A 181 10.68 5.33 6.23
C LEU A 181 12.01 5.85 5.73
N SER A 182 12.60 5.11 4.78
CA SER A 182 13.81 5.55 4.10
C SER A 182 13.66 5.28 2.61
N SER A 183 14.25 6.17 1.80
CA SER A 183 14.34 5.99 0.36
C SER A 183 15.81 6.00 -0.02
N VAL A 184 16.23 5.03 -0.83
CA VAL A 184 17.61 4.86 -1.25
C VAL A 184 17.68 4.87 -2.77
N VAL A 185 18.72 5.50 -3.30
CA VAL A 185 19.03 5.37 -4.73
C VAL A 185 20.47 4.88 -4.86
N THR A 186 20.67 3.91 -5.74
CA THR A 186 21.96 3.31 -6.00
C THR A 186 22.47 3.89 -7.33
N VAL A 187 23.65 4.50 -7.30
CA VAL A 187 24.19 5.25 -8.43
C VAL A 187 25.64 4.83 -8.64
N PRO A 188 26.28 5.17 -9.76
CA PRO A 188 27.72 4.91 -9.92
C PRO A 188 28.53 5.72 -8.92
N SER A 189 29.50 5.07 -8.27
CA SER A 189 30.36 5.80 -7.34
C SER A 189 31.05 6.98 -8.02
N SER A 190 31.45 6.82 -9.29
CA SER A 190 32.12 7.89 -10.01
C SER A 190 31.22 9.10 -10.24
N SER A 191 29.90 8.92 -10.18
CA SER A 191 29.02 10.06 -10.38
C SER A 191 28.92 10.96 -9.16
N LEU A 192 29.47 10.54 -8.00
CA LEU A 192 29.27 11.30 -6.77
C LEU A 192 29.96 12.65 -6.83
N GLY A 193 31.02 12.78 -7.64
CA GLY A 193 31.70 14.06 -7.74
C GLY A 193 30.94 15.08 -8.57
N THR A 194 30.15 14.64 -9.53
CA THR A 194 29.60 15.51 -10.55
C THR A 194 28.09 15.68 -10.49
N GLN A 195 27.35 14.69 -10.00
CA GLN A 195 25.90 14.73 -10.04
C GLN A 195 25.34 15.15 -8.68
N THR A 196 24.37 16.07 -8.71
CA THR A 196 23.64 16.45 -7.51
C THR A 196 22.48 15.50 -7.26
N TYR A 197 22.27 15.15 -5.99
CA TYR A 197 21.19 14.27 -5.57
C TYR A 197 20.37 14.96 -4.49
N ILE A 198 19.09 15.17 -4.76
CA ILE A 198 18.16 15.80 -3.83
C ILE A 198 16.95 14.89 -3.73
N CYS A 199 16.56 14.54 -2.50
CA CYS A 199 15.33 13.80 -2.31
C CYS A 199 14.20 14.78 -2.05
N ASN A 200 13.08 14.56 -2.70
CA ASN A 200 11.91 15.39 -2.55
C ASN A 200 10.87 14.62 -1.76
N VAL A 201 10.58 15.06 -0.54
CA VAL A 201 9.69 14.36 0.37
C VAL A 201 8.36 15.12 0.45
N ASN A 202 7.26 14.40 0.27
CA ASN A 202 5.92 14.97 0.32
C ASN A 202 5.10 14.21 1.36
N HIS A 203 4.58 14.95 2.36
CA HIS A 203 3.62 14.45 3.36
C HIS A 203 2.38 15.34 3.30
N LYS A 204 1.42 15.00 2.45
CA LYS A 204 0.25 15.85 2.26
C LYS A 204 -0.59 16.06 3.52
N PRO A 205 -0.78 15.08 4.41
CA PRO A 205 -1.57 15.35 5.62
C PRO A 205 -1.06 16.51 6.46
N SER A 206 0.25 16.80 6.45
CA SER A 206 0.79 17.94 7.17
C SER A 206 1.17 19.09 6.23
N ASN A 207 0.84 18.97 4.94
CA ASN A 207 1.28 19.91 3.89
C ASN A 207 2.81 20.18 3.97
N THR A 208 3.59 19.11 4.13
CA THR A 208 5.04 19.22 4.21
C THR A 208 5.66 18.84 2.85
N LYS A 209 6.45 19.73 2.29
CA LYS A 209 7.24 19.47 1.08
C LYS A 209 8.68 19.84 1.39
N VAL A 210 9.56 18.83 1.48
CA VAL A 210 10.97 19.03 1.82
C VAL A 210 11.85 18.54 0.68
N ASP A 211 12.82 19.37 0.28
CA ASP A 211 13.90 18.97 -0.62
C ASP A 211 15.18 18.88 0.18
N LYS A 212 15.80 17.72 0.22
CA LYS A 212 17.00 17.52 1.03
C LYS A 212 18.14 17.10 0.11
N ARG A 213 19.19 17.92 0.08
CA ARG A 213 20.37 17.58 -0.69
C ARG A 213 21.18 16.53 0.06
N VAL A 214 21.64 15.50 -0.66
CA VAL A 214 22.39 14.39 -0.08
C VAL A 214 23.78 14.40 -0.71
N GLU A 215 24.80 14.65 0.11
CA GLU A 215 26.16 14.87 -0.34
C GLU A 215 27.14 13.87 0.25
N PRO A 216 28.23 13.55 -0.44
CA PRO A 216 29.25 12.68 0.15
C PRO A 216 29.72 13.25 1.49
N LYS A 217 29.94 12.35 2.44
CA LYS A 217 30.14 12.72 3.85
C LYS A 217 31.29 13.70 4.09
N SER B 2 -23.57 -9.66 5.79
CA SER B 2 -23.60 -11.03 5.28
C SER B 2 -22.62 -11.23 4.14
N ALA B 3 -21.36 -10.86 4.38
CA ALA B 3 -20.29 -10.98 3.38
C ALA B 3 -20.20 -12.40 2.83
N LEU B 4 -20.15 -12.50 1.49
CA LEU B 4 -20.00 -13.80 0.87
C LEU B 4 -18.69 -14.43 1.34
N THR B 5 -18.69 -15.75 1.50
CA THR B 5 -17.61 -16.46 2.16
C THR B 5 -16.65 -17.02 1.13
N GLN B 6 -15.39 -16.63 1.23
CA GLN B 6 -14.34 -17.16 0.40
C GLN B 6 -13.28 -17.81 1.29
N PRO B 7 -12.52 -18.76 0.75
CA PRO B 7 -11.32 -19.20 1.48
C PRO B 7 -10.39 -18.02 1.67
N ALA B 8 -9.82 -17.91 2.87
CA ALA B 8 -8.92 -16.80 3.15
C ALA B 8 -7.68 -16.87 2.27
N SER B 9 -7.19 -18.07 1.97
CA SER B 9 -5.89 -18.20 1.33
C SER B 9 -5.86 -19.44 0.44
N VAL B 10 -5.34 -19.27 -0.78
CA VAL B 10 -5.12 -20.37 -1.73
C VAL B 10 -3.72 -20.21 -2.31
N SER B 11 -2.92 -21.27 -2.24
CA SER B 11 -1.58 -21.26 -2.83
C SER B 11 -1.52 -22.22 -4.01
N GLY B 12 -0.70 -21.86 -5.00
CA GLY B 12 -0.46 -22.74 -6.13
C GLY B 12 0.93 -22.55 -6.68
N SER B 13 1.31 -23.44 -7.60
CA SER B 13 2.61 -23.47 -8.28
C SER B 13 2.47 -23.04 -9.75
N PRO B 14 3.54 -22.53 -10.36
CA PRO B 14 3.44 -22.02 -11.74
C PRO B 14 2.91 -23.07 -12.70
N GLY B 15 1.93 -22.66 -13.53
CA GLY B 15 1.33 -23.53 -14.51
C GLY B 15 0.16 -24.36 -14.03
N GLN B 16 -0.09 -24.40 -12.72
CA GLN B 16 -1.19 -25.19 -12.18
C GLN B 16 -2.51 -24.43 -12.30
N SER B 17 -3.60 -25.11 -11.94
CA SER B 17 -4.93 -24.50 -11.86
C SER B 17 -5.36 -24.40 -10.41
N ILE B 18 -6.02 -23.30 -10.06
CA ILE B 18 -6.62 -23.18 -8.73
C ILE B 18 -8.04 -22.66 -8.91
N THR B 19 -8.89 -22.99 -7.94
CA THR B 19 -10.28 -22.59 -7.97
C THR B 19 -10.65 -21.95 -6.64
N ILE B 20 -11.25 -20.77 -6.71
CA ILE B 20 -11.62 -19.98 -5.54
C ILE B 20 -13.15 -19.99 -5.43
N SER B 21 -13.67 -20.49 -4.32
CA SER B 21 -15.11 -20.58 -4.14
C SER B 21 -15.66 -19.33 -3.46
N CYS B 22 -16.95 -19.08 -3.71
CA CYS B 22 -17.65 -17.90 -3.19
C CYS B 22 -19.07 -18.33 -2.89
N THR B 23 -19.39 -18.48 -1.61
CA THR B 23 -20.66 -19.07 -1.20
C THR B 23 -21.50 -18.02 -0.50
N GLY B 24 -22.68 -17.77 -1.04
CA GLY B 24 -23.52 -16.75 -0.46
C GLY B 24 -24.80 -17.32 0.10
N THR B 25 -25.89 -16.60 -0.12
CA THR B 25 -27.25 -16.94 0.28
C THR B 25 -28.16 -16.96 -0.94
N GLY B 26 -29.35 -17.51 -0.76
CA GLY B 26 -30.33 -17.49 -1.83
C GLY B 26 -30.79 -16.08 -2.22
N SER B 27 -30.42 -15.07 -1.43
CA SER B 27 -30.84 -13.68 -1.65
C SER B 27 -29.89 -12.88 -2.53
N ASP B 28 -28.66 -13.37 -2.75
CA ASP B 28 -27.71 -12.67 -3.61
C ASP B 28 -27.11 -13.61 -4.65
N VAL B 29 -26.22 -14.52 -4.24
CA VAL B 29 -25.61 -15.47 -5.17
C VAL B 29 -26.68 -16.34 -5.81
N GLY B 30 -27.48 -17.03 -4.99
CA GLY B 30 -28.57 -17.84 -5.49
C GLY B 30 -29.81 -17.03 -5.85
N SER B 31 -29.60 -15.76 -6.14
CA SER B 31 -30.67 -14.85 -6.55
C SER B 31 -30.38 -14.08 -7.82
N TYR B 32 -29.15 -14.09 -8.32
CA TYR B 32 -28.80 -13.36 -9.52
C TYR B 32 -27.60 -14.02 -10.17
N ASN B 33 -27.53 -13.88 -11.49
CA ASN B 33 -26.28 -14.12 -12.22
C ASN B 33 -25.48 -12.83 -12.30
N LEU B 34 -25.30 -12.20 -11.14
CA LEU B 34 -24.59 -10.94 -11.02
C LEU B 34 -23.35 -11.10 -10.16
N VAL B 35 -22.78 -12.31 -10.13
CA VAL B 35 -21.52 -12.50 -9.43
C VAL B 35 -20.39 -12.01 -10.32
N SER B 36 -19.66 -11.02 -9.83
CA SER B 36 -18.44 -10.52 -10.43
C SER B 36 -17.24 -10.97 -9.60
N TRP B 37 -16.09 -11.02 -10.25
CA TRP B 37 -14.83 -11.33 -9.58
C TRP B 37 -13.87 -10.19 -9.85
N TYR B 38 -13.20 -9.74 -8.80
CA TYR B 38 -12.21 -8.68 -8.92
C TYR B 38 -10.83 -9.18 -8.51
N GLN B 39 -9.81 -8.66 -9.18
CA GLN B 39 -8.42 -8.91 -8.84
C GLN B 39 -7.82 -7.61 -8.31
N GLN B 40 -7.14 -7.69 -7.17
CA GLN B 40 -6.55 -6.49 -6.56
C GLN B 40 -5.09 -6.74 -6.23
N HIS B 41 -4.21 -6.00 -6.90
CA HIS B 41 -2.79 -5.99 -6.58
C HIS B 41 -2.50 -4.92 -5.53
N PRO B 42 -1.45 -5.09 -4.73
CA PRO B 42 -1.21 -4.16 -3.61
C PRO B 42 -1.13 -2.71 -4.08
N GLY B 43 -1.94 -1.86 -3.45
CA GLY B 43 -1.89 -0.43 -3.73
C GLY B 43 -2.63 0.01 -4.97
N LYS B 44 -3.45 -0.85 -5.57
CA LYS B 44 -4.19 -0.49 -6.76
C LYS B 44 -5.67 -0.73 -6.52
N ALA B 45 -6.49 -0.08 -7.35
CA ALA B 45 -7.93 -0.33 -7.37
C ALA B 45 -8.23 -1.75 -7.83
N PRO B 46 -9.34 -2.34 -7.37
CA PRO B 46 -9.75 -3.65 -7.91
C PRO B 46 -9.99 -3.58 -9.41
N LYS B 47 -9.70 -4.70 -10.08
CA LYS B 47 -9.83 -4.82 -11.53
C LYS B 47 -10.78 -5.96 -11.85
N LEU B 48 -11.86 -5.64 -12.56
CA LEU B 48 -12.91 -6.61 -12.87
C LEU B 48 -12.38 -7.68 -13.82
N MET B 49 -12.43 -8.96 -13.40
CA MET B 49 -11.99 -10.08 -14.23
C MET B 49 -13.13 -10.90 -14.78
N ILE B 50 -14.23 -11.01 -14.07
CA ILE B 50 -15.39 -11.79 -14.47
C ILE B 50 -16.62 -11.01 -14.07
N TYR B 51 -17.63 -10.99 -14.94
CA TYR B 51 -18.91 -10.43 -14.57
C TYR B 51 -20.01 -11.36 -15.05
N GLY B 52 -21.17 -11.26 -14.42
CA GLY B 52 -22.28 -12.13 -14.76
C GLY B 52 -21.88 -13.60 -14.69
N ASP B 53 -21.27 -13.98 -13.57
CA ASP B 53 -20.86 -15.36 -13.30
C ASP B 53 -19.73 -15.84 -14.19
N SER B 54 -19.84 -15.64 -15.51
CA SER B 54 -18.96 -16.34 -16.42
C SER B 54 -18.43 -15.49 -17.56
N GLN B 55 -18.80 -14.22 -17.66
CA GLN B 55 -18.38 -13.37 -18.75
C GLN B 55 -17.05 -12.71 -18.44
N ARG B 56 -16.19 -12.63 -19.43
CA ARG B 56 -14.97 -11.87 -19.27
C ARG B 56 -15.11 -10.52 -19.94
N PRO B 57 -14.75 -9.42 -19.27
CA PRO B 57 -14.61 -8.15 -19.97
C PRO B 57 -13.42 -8.23 -20.92
N SER B 58 -13.41 -7.31 -21.90
CA SER B 58 -12.34 -7.32 -22.90
C SER B 58 -10.99 -7.11 -22.24
N GLY B 59 -9.95 -7.71 -22.83
CA GLY B 59 -8.61 -7.64 -22.28
C GLY B 59 -8.26 -8.70 -21.25
N VAL B 60 -9.23 -9.40 -20.70
CA VAL B 60 -8.97 -10.39 -19.65
C VAL B 60 -8.70 -11.74 -20.30
N SER B 61 -7.49 -12.27 -20.06
CA SER B 61 -7.04 -13.59 -20.51
C SER B 61 -8.09 -14.67 -20.32
N ASN B 62 -8.12 -15.68 -21.19
CA ASN B 62 -9.02 -16.81 -20.98
C ASN B 62 -8.50 -17.76 -19.91
N ARG B 63 -7.33 -17.49 -19.33
CA ARG B 63 -6.87 -18.23 -18.16
C ARG B 63 -7.82 -18.05 -16.98
N PHE B 64 -8.62 -16.97 -16.96
CA PHE B 64 -9.63 -16.74 -15.94
C PHE B 64 -10.99 -17.16 -16.46
N SER B 65 -11.67 -18.01 -15.70
CA SER B 65 -13.00 -18.49 -16.05
C SER B 65 -13.84 -18.52 -14.77
N GLY B 66 -15.13 -18.25 -14.92
CA GLY B 66 -16.05 -18.28 -13.80
C GLY B 66 -17.20 -19.23 -14.02
N SER B 67 -17.72 -19.77 -12.93
CA SER B 67 -18.89 -20.63 -12.99
C SER B 67 -19.69 -20.42 -11.71
N LYS B 68 -20.78 -21.16 -11.57
CA LYS B 68 -21.72 -20.97 -10.48
C LYS B 68 -22.73 -22.10 -10.50
N SER B 69 -23.03 -22.65 -9.33
CA SER B 69 -24.02 -23.72 -9.20
C SER B 69 -24.52 -23.70 -7.77
N GLY B 70 -25.82 -23.47 -7.59
CA GLY B 70 -26.31 -23.27 -6.26
C GLY B 70 -25.92 -21.90 -5.75
N ASN B 71 -25.71 -21.80 -4.44
CA ASN B 71 -25.33 -20.55 -3.80
C ASN B 71 -23.83 -20.31 -3.84
N THR B 72 -23.12 -20.99 -4.73
CA THR B 72 -21.66 -21.01 -4.70
C THR B 72 -21.12 -20.70 -6.11
N ALA B 73 -20.44 -19.57 -6.23
CA ALA B 73 -19.73 -19.20 -7.44
C ALA B 73 -18.26 -19.58 -7.30
N SER B 74 -17.62 -19.83 -8.42
CA SER B 74 -16.24 -20.29 -8.42
C SER B 74 -15.45 -19.56 -9.50
N LEU B 75 -14.29 -19.04 -9.13
CA LEU B 75 -13.31 -18.48 -10.07
C LEU B 75 -12.17 -19.48 -10.20
N THR B 76 -11.88 -19.88 -11.43
CA THR B 76 -10.76 -20.79 -11.72
C THR B 76 -9.70 -20.01 -12.50
N ILE B 77 -8.45 -20.12 -12.05
CA ILE B 77 -7.31 -19.54 -12.75
C ILE B 77 -6.47 -20.71 -13.22
N SER B 78 -6.24 -20.79 -14.53
CA SER B 78 -5.42 -21.84 -15.11
C SER B 78 -4.10 -21.25 -15.54
N GLY B 79 -3.11 -22.12 -15.73
CA GLY B 79 -1.79 -21.67 -16.18
C GLY B 79 -1.17 -20.65 -15.25
N LEU B 80 -1.20 -20.96 -13.95
CA LEU B 80 -0.88 -19.99 -12.90
C LEU B 80 0.46 -19.30 -13.17
N GLN B 81 0.43 -17.96 -13.12
CA GLN B 81 1.61 -17.12 -13.36
C GLN B 81 1.87 -16.27 -12.13
N ALA B 82 3.12 -15.80 -12.01
CA ALA B 82 3.52 -15.03 -10.84
C ALA B 82 2.69 -13.76 -10.70
N GLU B 83 2.32 -13.16 -11.84
CA GLU B 83 1.51 -11.96 -11.82
C GLU B 83 0.11 -12.21 -11.27
N ASP B 84 -0.34 -13.48 -11.23
CA ASP B 84 -1.64 -13.77 -10.63
C ASP B 84 -1.65 -13.64 -9.12
N GLU B 85 -0.48 -13.62 -8.47
CA GLU B 85 -0.44 -13.41 -7.03
C GLU B 85 -1.07 -12.07 -6.67
N ALA B 86 -2.18 -12.11 -5.92
CA ALA B 86 -2.99 -10.93 -5.64
C ALA B 86 -4.15 -11.31 -4.72
N ASP B 87 -4.99 -10.35 -4.35
CA ASP B 87 -6.23 -10.64 -3.64
C ASP B 87 -7.38 -10.71 -4.64
N TYR B 88 -8.33 -11.62 -4.39
CA TYR B 88 -9.49 -11.81 -5.25
C TYR B 88 -10.76 -11.72 -4.43
N TYR B 89 -11.74 -10.99 -4.96
CA TYR B 89 -13.02 -10.74 -4.28
C TYR B 89 -14.16 -11.09 -5.22
N CYS B 90 -15.06 -11.95 -4.75
CA CYS B 90 -16.33 -12.00 -5.46
C CYS B 90 -17.25 -10.90 -4.93
N ALA B 91 -18.29 -10.62 -5.71
CA ALA B 91 -19.30 -9.63 -5.34
C ALA B 91 -20.59 -9.97 -6.08
N SER B 92 -21.72 -9.65 -5.46
CA SER B 92 -23.01 -9.88 -6.09
C SER B 92 -23.95 -8.73 -5.77
N TYR B 93 -24.85 -8.45 -6.72
CA TYR B 93 -26.01 -7.64 -6.40
C TYR B 93 -26.86 -8.39 -5.39
N ALA B 94 -27.71 -7.64 -4.66
CA ALA B 94 -28.50 -8.24 -3.60
C ALA B 94 -29.86 -7.55 -3.46
N GLY B 95 -30.39 -7.06 -4.57
CA GLY B 95 -31.66 -6.35 -4.56
C GLY B 95 -31.56 -4.92 -4.11
N SER B 96 -32.39 -4.06 -4.71
CA SER B 96 -32.66 -2.72 -4.19
C SER B 96 -31.40 -1.86 -4.10
N GLY B 97 -30.53 -1.96 -5.10
CA GLY B 97 -29.31 -1.17 -5.10
C GLY B 97 -28.25 -1.60 -4.11
N ILE B 98 -28.41 -2.77 -3.49
CA ILE B 98 -27.44 -3.29 -2.52
C ILE B 98 -26.43 -4.17 -3.23
N TYR B 99 -25.16 -4.03 -2.83
CA TYR B 99 -24.09 -4.91 -3.24
C TYR B 99 -23.43 -5.51 -2.01
N VAL B 100 -22.98 -6.75 -2.14
CA VAL B 100 -22.21 -7.43 -1.10
C VAL B 100 -20.92 -7.94 -1.74
N PHE B 101 -19.79 -7.69 -1.09
CA PHE B 101 -18.51 -8.24 -1.49
C PHE B 101 -18.21 -9.48 -0.67
N GLY B 102 -17.48 -10.42 -1.28
CA GLY B 102 -16.97 -11.56 -0.54
C GLY B 102 -15.89 -11.15 0.43
N THR B 103 -15.54 -12.06 1.35
CA THR B 103 -14.52 -11.77 2.35
C THR B 103 -13.11 -11.73 1.76
N GLY B 104 -12.92 -12.20 0.53
CA GLY B 104 -11.61 -12.05 -0.09
C GLY B 104 -10.73 -13.28 0.03
N THR B 105 -9.91 -13.52 -1.00
CA THR B 105 -8.95 -14.61 -0.99
C THR B 105 -7.59 -14.10 -1.40
N LYS B 106 -6.57 -14.41 -0.62
CA LYS B 106 -5.21 -14.05 -0.98
C LYS B 106 -4.60 -15.22 -1.73
N VAL B 107 -4.22 -15.01 -2.98
CA VAL B 107 -3.60 -16.07 -3.80
C VAL B 107 -2.09 -15.89 -3.75
N THR B 108 -1.39 -16.97 -3.44
CA THR B 108 0.07 -16.96 -3.40
C THR B 108 0.61 -17.91 -4.46
N VAL B 109 1.56 -17.44 -5.26
CA VAL B 109 2.17 -18.25 -6.32
C VAL B 109 3.60 -18.57 -5.88
N LEU B 110 3.88 -19.85 -5.65
CA LEU B 110 5.17 -20.28 -5.14
C LEU B 110 6.14 -20.55 -6.31
N GLY B 111 7.36 -20.97 -5.96
CA GLY B 111 8.29 -21.46 -6.96
C GLY B 111 9.45 -20.54 -7.33
N GLN B 112 9.42 -19.26 -6.96
CA GLN B 112 10.55 -18.40 -7.30
C GLN B 112 11.79 -18.83 -6.52
N PRO B 113 12.98 -18.55 -7.04
CA PRO B 113 14.18 -19.10 -6.42
C PRO B 113 14.61 -18.33 -5.17
N LYS B 114 15.35 -19.04 -4.31
CA LYS B 114 15.98 -18.40 -3.16
C LYS B 114 16.78 -17.18 -3.61
N ALA B 115 16.65 -16.09 -2.88
CA ALA B 115 17.39 -14.87 -3.16
C ALA B 115 17.97 -14.38 -1.84
N ASN B 116 19.28 -14.22 -1.80
CA ASN B 116 19.93 -13.72 -0.61
C ASN B 116 19.72 -12.21 -0.47
N PRO B 117 19.62 -11.70 0.75
CA PRO B 117 19.31 -10.29 0.95
C PRO B 117 20.49 -9.38 0.68
N THR B 118 20.20 -8.25 0.06
CA THR B 118 21.13 -7.13 0.03
C THR B 118 20.90 -6.31 1.31
N VAL B 119 21.99 -5.97 1.99
CA VAL B 119 21.94 -5.24 3.26
C VAL B 119 22.69 -3.93 3.10
N THR B 120 22.03 -2.81 3.42
CA THR B 120 22.66 -1.49 3.39
C THR B 120 22.44 -0.81 4.74
N LEU B 121 23.52 -0.39 5.39
CA LEU B 121 23.46 0.16 6.73
C LEU B 121 24.04 1.57 6.74
N PHE B 122 23.27 2.53 7.28
CA PHE B 122 23.69 3.93 7.32
C PHE B 122 23.87 4.37 8.76
N PRO B 123 24.89 5.15 9.05
CA PRO B 123 25.06 5.69 10.40
C PRO B 123 24.18 6.92 10.58
N PRO B 124 24.12 7.47 11.80
CA PRO B 124 23.39 8.73 11.98
C PRO B 124 24.03 9.85 11.17
N SER B 125 23.18 10.70 10.58
CA SER B 125 23.67 11.86 9.85
C SER B 125 24.16 12.92 10.84
N SER B 126 24.99 13.84 10.34
CA SER B 126 25.43 14.96 11.17
C SER B 126 24.27 15.85 11.54
N GLU B 127 23.37 16.12 10.57
CA GLU B 127 22.17 16.92 10.85
C GLU B 127 21.41 16.36 12.04
N GLU B 128 21.26 15.03 12.11
CA GLU B 128 20.45 14.44 13.17
C GLU B 128 21.15 14.54 14.51
N LEU B 129 22.46 14.32 14.54
CA LEU B 129 23.21 14.47 15.79
C LEU B 129 23.16 15.91 16.28
N GLN B 130 23.20 16.88 15.36
CA GLN B 130 23.00 18.26 15.76
C GLN B 130 21.61 18.50 16.34
N ALA B 131 20.65 17.63 16.02
CA ALA B 131 19.31 17.66 16.61
C ALA B 131 19.23 16.83 17.88
N ASN B 132 20.37 16.42 18.45
CA ASN B 132 20.43 15.61 19.66
C ASN B 132 19.71 14.27 19.50
N LYS B 133 19.76 13.70 18.31
CA LYS B 133 19.23 12.37 18.02
C LYS B 133 20.23 11.55 17.23
N ALA B 134 19.93 10.26 17.10
CA ALA B 134 20.76 9.34 16.30
C ALA B 134 19.94 8.12 15.94
N THR B 135 19.89 7.81 14.65
CA THR B 135 19.22 6.60 14.15
C THR B 135 20.15 5.87 13.20
N LEU B 136 20.32 4.57 13.43
CA LEU B 136 21.02 3.69 12.50
C LEU B 136 19.97 2.99 11.64
N VAL B 137 20.16 3.01 10.33
CA VAL B 137 19.16 2.51 9.38
C VAL B 137 19.73 1.29 8.66
N CYS B 138 19.11 0.14 8.88
CA CYS B 138 19.48 -1.10 8.22
C CYS B 138 18.40 -1.49 7.22
N LEU B 139 18.73 -1.46 5.92
CA LEU B 139 17.77 -1.71 4.86
C LEU B 139 18.11 -3.04 4.19
N ILE B 140 17.09 -3.87 3.98
CA ILE B 140 17.25 -5.26 3.57
C ILE B 140 16.32 -5.51 2.40
N SER B 141 16.87 -5.95 1.27
CA SER B 141 16.10 -6.01 0.04
C SER B 141 16.52 -7.21 -0.80
N ASP B 142 15.66 -7.50 -1.79
CA ASP B 142 15.90 -8.53 -2.81
C ASP B 142 16.09 -9.93 -2.20
N PHE B 143 15.31 -10.27 -1.16
CA PHE B 143 15.44 -11.61 -0.59
C PHE B 143 14.15 -12.41 -0.72
N TYR B 144 14.34 -13.73 -0.79
CA TYR B 144 13.29 -14.73 -0.80
C TYR B 144 13.78 -16.01 -0.15
N PRO B 145 12.97 -16.68 0.68
CA PRO B 145 11.60 -16.27 1.04
C PRO B 145 11.57 -15.06 1.99
N GLY B 146 10.38 -14.69 2.43
CA GLY B 146 10.19 -13.42 3.08
C GLY B 146 10.32 -13.40 4.58
N ALA B 147 11.35 -14.06 5.11
CA ALA B 147 11.58 -14.07 6.54
C ALA B 147 13.04 -13.77 6.80
N VAL B 148 13.30 -12.81 7.69
CA VAL B 148 14.66 -12.52 8.15
C VAL B 148 14.62 -12.36 9.65
N THR B 149 15.80 -12.45 10.26
CA THR B 149 16.01 -12.10 11.65
C THR B 149 17.13 -11.08 11.70
N VAL B 150 16.94 -10.02 12.48
CA VAL B 150 17.88 -8.92 12.56
C VAL B 150 18.41 -8.80 13.99
N ALA B 151 19.73 -8.69 14.11
CA ALA B 151 20.38 -8.46 15.39
C ALA B 151 21.34 -7.28 15.26
N TRP B 152 21.39 -6.45 16.29
CA TRP B 152 22.30 -5.32 16.35
C TRP B 152 23.35 -5.55 17.44
N LYS B 153 24.59 -5.12 17.18
CA LYS B 153 25.67 -5.28 18.14
C LYS B 153 26.46 -3.98 18.22
N ALA B 154 26.97 -3.69 19.41
CA ALA B 154 27.80 -2.51 19.66
C ALA B 154 29.12 -2.99 20.24
N ASP B 155 30.20 -2.84 19.46
CA ASP B 155 31.51 -3.40 19.82
C ASP B 155 31.39 -4.88 20.17
N GLY B 156 30.59 -5.60 19.38
CA GLY B 156 30.38 -7.01 19.58
C GLY B 156 29.29 -7.38 20.57
N SER B 157 28.87 -6.45 21.45
CA SER B 157 27.86 -6.89 22.40
C SER B 157 26.47 -6.47 21.95
N PRO B 158 25.48 -7.36 22.15
CA PRO B 158 24.16 -7.14 21.57
C PRO B 158 23.47 -5.90 22.10
N VAL B 159 22.54 -5.39 21.28
CA VAL B 159 21.65 -4.28 21.63
C VAL B 159 20.24 -4.67 21.22
N LYS B 160 19.30 -4.62 22.18
CA LYS B 160 17.89 -4.83 21.88
C LYS B 160 17.03 -3.59 22.08
N ALA B 161 17.40 -2.70 22.99
CA ALA B 161 16.64 -1.48 23.21
C ALA B 161 16.80 -0.54 22.01
N GLY B 162 15.69 0.09 21.62
CA GLY B 162 15.67 1.07 20.55
C GLY B 162 15.54 0.48 19.16
N VAL B 163 15.34 -0.83 19.03
CA VAL B 163 15.26 -1.50 17.74
C VAL B 163 13.81 -1.59 17.29
N GLU B 164 13.54 -1.16 16.05
CA GLU B 164 12.21 -1.26 15.44
C GLU B 164 12.35 -1.79 14.02
N THR B 165 11.72 -2.92 13.73
CA THR B 165 11.94 -3.67 12.49
C THR B 165 10.60 -3.93 11.80
N THR B 166 10.52 -3.65 10.49
CA THR B 166 9.28 -3.88 9.77
C THR B 166 9.06 -5.36 9.50
N LYS B 167 7.83 -5.69 9.12
CA LYS B 167 7.58 -7.02 8.59
C LYS B 167 7.91 -7.04 7.10
N PRO B 168 8.54 -8.11 6.61
CA PRO B 168 8.90 -8.16 5.18
C PRO B 168 7.68 -8.02 4.27
N SER B 169 7.87 -7.34 3.14
CA SER B 169 6.80 -7.34 2.15
C SER B 169 7.40 -7.22 0.75
N LYS B 170 6.60 -7.64 -0.22
CA LYS B 170 7.10 -7.76 -1.59
C LYS B 170 7.28 -6.40 -2.24
N GLN B 171 8.38 -6.30 -2.98
CA GLN B 171 8.72 -5.17 -3.81
C GLN B 171 8.16 -5.38 -5.23
N SER B 172 8.35 -4.40 -6.10
CA SER B 172 7.86 -4.53 -7.47
C SER B 172 8.63 -5.57 -8.27
N ASN B 173 9.80 -6.02 -7.79
CA ASN B 173 10.57 -7.07 -8.45
C ASN B 173 10.23 -8.46 -7.91
N ASN B 174 9.16 -8.58 -7.11
CA ASN B 174 8.64 -9.81 -6.52
C ASN B 174 9.54 -10.42 -5.45
N LYS B 175 10.55 -9.70 -4.99
CA LYS B 175 11.34 -10.12 -3.84
C LYS B 175 10.98 -9.23 -2.65
N TYR B 176 11.35 -9.68 -1.46
CA TYR B 176 10.96 -9.02 -0.24
C TYR B 176 11.95 -7.93 0.17
N ALA B 177 11.43 -6.92 0.88
CA ALA B 177 12.26 -5.93 1.56
C ALA B 177 11.79 -5.76 2.99
N ALA B 178 12.70 -5.29 3.84
CA ALA B 178 12.39 -4.94 5.22
C ALA B 178 13.39 -3.88 5.69
N SER B 179 13.06 -3.25 6.81
CA SER B 179 13.90 -2.21 7.41
C SER B 179 13.99 -2.43 8.90
N SER B 180 15.13 -2.07 9.47
CA SER B 180 15.30 -2.08 10.92
C SER B 180 15.96 -0.78 11.33
N TYR B 181 15.40 -0.10 12.33
CA TYR B 181 15.92 1.15 12.87
C TYR B 181 16.36 0.96 14.31
N LEU B 182 17.58 1.41 14.62
CA LEU B 182 18.10 1.43 15.98
C LEU B 182 18.24 2.87 16.44
N SER B 183 17.49 3.23 17.49
CA SER B 183 17.53 4.56 18.07
C SER B 183 18.55 4.61 19.22
N LEU B 184 19.38 5.64 19.21
CA LEU B 184 20.39 5.86 20.25
C LEU B 184 20.48 7.34 20.56
N THR B 185 21.07 7.66 21.74
CA THR B 185 21.50 9.03 21.98
C THR B 185 22.84 9.27 21.26
N PRO B 186 23.12 10.51 20.87
CA PRO B 186 24.44 10.81 20.28
C PRO B 186 25.59 10.34 21.13
N GLU B 187 25.44 10.36 22.46
CA GLU B 187 26.52 9.95 23.36
C GLU B 187 26.82 8.46 23.24
N GLN B 188 25.79 7.61 23.22
CA GLN B 188 26.01 6.19 22.97
C GLN B 188 26.72 5.98 21.65
N TRP B 189 26.20 6.60 20.58
CA TRP B 189 26.81 6.46 19.26
C TRP B 189 28.27 6.87 19.28
N LYS B 190 28.58 8.00 19.92
CA LYS B 190 29.95 8.46 19.96
C LYS B 190 30.83 7.60 20.88
N SER B 191 30.22 6.86 21.80
CA SER B 191 30.97 6.13 22.82
C SER B 191 31.36 4.71 22.40
N HIS B 192 31.28 4.38 21.12
CA HIS B 192 31.63 3.03 20.66
C HIS B 192 32.52 3.09 19.43
N ARG B 193 33.25 2.00 19.21
CA ARG B 193 34.09 1.90 18.03
C ARG B 193 33.28 1.44 16.82
N SER B 194 32.33 0.52 17.01
CA SER B 194 31.54 0.01 15.90
C SER B 194 30.14 -0.36 16.37
N TYR B 195 29.19 -0.25 15.44
CA TYR B 195 27.85 -0.81 15.56
C TYR B 195 27.63 -1.68 14.32
N SER B 196 26.93 -2.80 14.50
CA SER B 196 26.75 -3.75 13.41
C SER B 196 25.30 -4.17 13.29
N CYS B 197 24.84 -4.27 12.04
CA CYS B 197 23.53 -4.83 11.71
C CYS B 197 23.76 -6.22 11.12
N GLN B 198 23.22 -7.24 11.77
CA GLN B 198 23.36 -8.62 11.32
C GLN B 198 21.99 -9.11 10.85
N VAL B 199 21.94 -9.57 9.61
CA VAL B 199 20.73 -10.08 8.98
C VAL B 199 20.95 -11.55 8.68
N THR B 200 20.10 -12.41 9.25
CA THR B 200 20.15 -13.84 9.01
C THR B 200 18.97 -14.26 8.14
N HIS B 201 19.25 -15.05 7.11
CA HIS B 201 18.25 -15.46 6.13
C HIS B 201 18.62 -16.86 5.68
N GLU B 202 17.77 -17.83 6.00
CA GLU B 202 17.97 -19.22 5.59
C GLU B 202 19.37 -19.70 5.97
N GLY B 203 19.67 -19.59 7.26
CA GLY B 203 20.92 -20.07 7.82
C GLY B 203 22.12 -19.17 7.62
N SER B 204 22.09 -18.23 6.67
CA SER B 204 23.27 -17.43 6.35
C SER B 204 23.11 -16.01 6.90
N THR B 205 24.17 -15.50 7.51
CA THR B 205 24.15 -14.18 8.12
C THR B 205 24.96 -13.19 7.27
N VAL B 206 24.28 -12.13 6.84
CA VAL B 206 24.92 -11.00 6.19
C VAL B 206 25.01 -9.88 7.20
N GLU B 207 26.18 -9.25 7.32
CA GLU B 207 26.35 -8.22 8.33
C GLU B 207 27.07 -7.02 7.73
N LYS B 208 26.70 -5.83 8.19
CA LYS B 208 27.35 -4.59 7.84
C LYS B 208 27.75 -3.87 9.13
N THR B 209 28.64 -2.90 9.01
CA THR B 209 29.21 -2.25 10.17
C THR B 209 29.45 -0.78 9.86
N VAL B 210 29.15 0.09 10.84
CA VAL B 210 29.46 1.51 10.73
C VAL B 210 30.09 2.01 12.03
N ALA B 211 30.78 3.14 11.93
CA ALA B 211 31.52 3.75 13.03
C ALA B 211 31.41 5.25 12.93
N PRO B 212 31.55 5.99 14.05
CA PRO B 212 31.48 7.45 14.04
C PRO B 212 32.46 8.12 13.06
#